data_5EYK
#
_entry.id   5EYK
#
_cell.length_a   46.140
_cell.length_b   67.450
_cell.length_c   116.760
_cell.angle_alpha   90.00
_cell.angle_beta   96.63
_cell.angle_gamma   90.00
#
_symmetry.space_group_name_H-M   'P 1 21 1'
#
loop_
_entity.id
_entity.type
_entity.pdbx_description
1 polymer 'Aurora kinase B-A'
2 polymer 'Inner centromere protein A'
3 non-polymer 3-[(3~{Z})-3-[[[4-[(dimethylamino)methyl]phenyl]amino]-phenyl-methylidene]-2-oxidanylidene-1~{H}-indol-6-yl]-~{N}-ethyl-prop-2-ynamide
4 water water
#
loop_
_entity_poly.entity_id
_entity_poly.type
_entity_poly.pdbx_seq_one_letter_code
_entity_poly.pdbx_strand_id
1 'polypeptide(L)'
;AEMPKRKFTIDDFDIVRPLGKGKFGNVYLAREKQNKFIMALKVLFKSQLEKEGVEHQLRREIEIQSHLRHPNILRMYNYF
HDRKRIYLMLEFAPRGELYKELQKHGRFDEQRSATFMEELADALHYCHERKVIHRDIKPENLLMGYKGELKIADFGWSVH
APSLRRR(TPO)MCGTLDYLPPEMIEGKTHDEKVDLWCAGVLCYEFLVGMPPFDSPSHTETHRRIVNVDLKFPPFLSDGS
KDLISKLLRYHPPQRLPLKGVMEHPWVKANSRRVLPPVYQ
;
A,B
2 'polypeptide(L)' MDESQPRKPIPAWASGNLLTQAIRQQYYKPIDVDRMYGTIDSPKLEELFNKSKPRYFKR C,D
#
# COMPACT_ATOMS: atom_id res chain seq x y z
N PHE A 8 -13.02 25.61 -21.68
CA PHE A 8 -14.45 25.93 -21.62
C PHE A 8 -14.72 27.34 -22.12
N THR A 9 -15.87 27.55 -22.79
CA THR A 9 -16.32 28.86 -23.24
C THR A 9 -17.81 28.95 -22.94
N ILE A 10 -18.41 30.18 -22.92
CA ILE A 10 -19.85 30.35 -22.70
C ILE A 10 -20.69 29.55 -23.68
N ASP A 11 -20.13 29.31 -24.90
CA ASP A 11 -20.79 28.54 -25.97
C ASP A 11 -21.01 27.07 -25.58
N ASP A 12 -20.22 26.55 -24.59
CA ASP A 12 -20.37 25.19 -24.06
C ASP A 12 -21.56 25.08 -23.11
N PHE A 13 -22.31 26.18 -22.92
CA PHE A 13 -23.46 26.22 -22.02
C PHE A 13 -24.66 26.88 -22.64
N ASP A 14 -25.84 26.35 -22.28
CA ASP A 14 -27.11 26.94 -22.62
C ASP A 14 -27.51 27.71 -21.38
N ILE A 15 -27.59 29.05 -21.47
CA ILE A 15 -28.03 29.86 -20.34
C ILE A 15 -29.55 29.71 -20.32
N VAL A 16 -30.08 29.15 -19.24
CA VAL A 16 -31.51 28.90 -19.09
C VAL A 16 -32.23 30.18 -18.65
N ARG A 17 -31.80 30.79 -17.53
CA ARG A 17 -32.40 32.00 -16.96
C ARG A 17 -31.51 32.63 -15.88
N PRO A 18 -31.71 33.94 -15.55
CA PRO A 18 -30.94 34.51 -14.44
C PRO A 18 -31.47 33.98 -13.10
N LEU A 19 -30.59 33.83 -12.11
CA LEU A 19 -31.01 33.36 -10.79
C LEU A 19 -31.05 34.54 -9.83
N GLY A 20 -30.34 35.60 -10.18
CA GLY A 20 -30.26 36.84 -9.41
C GLY A 20 -28.86 37.36 -9.28
N LYS A 21 -28.73 38.52 -8.63
CA LYS A 21 -27.46 39.19 -8.38
C LYS A 21 -26.76 38.47 -7.23
N GLY A 22 -25.51 38.09 -7.47
CA GLY A 22 -24.65 37.49 -6.46
C GLY A 22 -23.56 38.49 -6.14
N LYS A 23 -22.59 38.10 -5.30
CA LYS A 23 -21.48 38.99 -4.97
C LYS A 23 -20.56 39.10 -6.19
N PHE A 24 -20.27 40.34 -6.60
CA PHE A 24 -19.41 40.70 -7.76
C PHE A 24 -19.92 40.31 -9.14
N GLY A 25 -21.16 39.83 -9.25
CA GLY A 25 -21.70 39.48 -10.55
C GLY A 25 -23.03 38.76 -10.55
N ASN A 26 -23.69 38.73 -11.72
CA ASN A 26 -24.97 38.05 -11.87
C ASN A 26 -24.76 36.54 -11.92
N VAL A 27 -25.76 35.81 -11.47
CA VAL A 27 -25.74 34.35 -11.47
C VAL A 27 -26.81 33.87 -12.40
N TYR A 28 -26.49 32.88 -13.20
CA TYR A 28 -27.40 32.31 -14.19
C TYR A 28 -27.53 30.82 -14.01
N LEU A 29 -28.73 30.30 -14.29
CA LEU A 29 -28.97 28.88 -14.33
C LEU A 29 -28.55 28.48 -15.74
N ALA A 30 -27.62 27.51 -15.85
CA ALA A 30 -27.08 27.10 -17.14
C ALA A 30 -26.97 25.59 -17.22
N ARG A 31 -26.98 25.07 -18.44
CA ARG A 31 -26.80 23.64 -18.68
C ARG A 31 -25.55 23.44 -19.53
N GLU A 32 -24.56 22.64 -19.04
CA GLU A 32 -23.35 22.34 -19.83
C GLU A 32 -23.80 21.36 -20.94
N LYS A 33 -23.82 21.84 -22.21
CA LYS A 33 -24.29 21.14 -23.40
C LYS A 33 -23.87 19.68 -23.52
N GLN A 34 -22.58 19.40 -23.31
CA GLN A 34 -21.98 18.07 -23.40
C GLN A 34 -22.69 17.06 -22.49
N ASN A 35 -22.52 17.22 -21.14
CA ASN A 35 -23.08 16.33 -20.12
C ASN A 35 -24.52 16.63 -19.73
N LYS A 36 -25.13 17.68 -20.31
CA LYS A 36 -26.50 18.12 -19.99
C LYS A 36 -26.65 18.35 -18.47
N PHE A 37 -25.57 18.83 -17.83
CA PHE A 37 -25.50 19.06 -16.39
C PHE A 37 -25.87 20.48 -16.03
N ILE A 38 -26.88 20.60 -15.14
CA ILE A 38 -27.41 21.86 -14.67
C ILE A 38 -26.51 22.39 -13.58
N MET A 39 -26.10 23.65 -13.72
CA MET A 39 -25.25 24.31 -12.74
C MET A 39 -25.56 25.81 -12.73
N ALA A 40 -24.93 26.52 -11.79
CA ALA A 40 -25.06 27.95 -11.71
C ALA A 40 -23.80 28.52 -12.33
N LEU A 41 -23.98 29.63 -13.05
CA LEU A 41 -22.86 30.25 -13.70
C LEU A 41 -22.80 31.70 -13.24
N LYS A 42 -21.75 32.05 -12.51
CA LYS A 42 -21.57 33.42 -12.08
C LYS A 42 -20.66 34.10 -13.11
N VAL A 43 -21.08 35.25 -13.58
CA VAL A 43 -20.35 36.04 -14.59
C VAL A 43 -19.79 37.26 -13.91
N LEU A 44 -18.47 37.39 -13.96
CA LEU A 44 -17.76 38.52 -13.35
C LEU A 44 -17.10 39.32 -14.46
N PHE A 45 -17.22 40.66 -14.40
CA PHE A 45 -16.57 41.50 -15.40
C PHE A 45 -15.20 41.88 -14.87
N LYS A 46 -14.14 41.50 -15.62
CA LYS A 46 -12.74 41.72 -15.25
C LYS A 46 -12.41 43.18 -14.89
N SER A 47 -12.93 44.14 -15.69
CA SER A 47 -12.73 45.58 -15.48
C SER A 47 -13.43 46.06 -14.21
N GLN A 48 -14.65 45.56 -13.96
CA GLN A 48 -15.43 45.89 -12.76
C GLN A 48 -14.70 45.46 -11.51
N LEU A 49 -14.12 44.24 -11.50
CA LEU A 49 -13.37 43.71 -10.36
C LEU A 49 -12.18 44.61 -10.05
N GLU A 50 -11.48 45.07 -11.10
CA GLU A 50 -10.32 45.97 -11.04
C GLU A 50 -10.74 47.34 -10.49
N LYS A 51 -11.81 47.95 -11.04
CA LYS A 51 -12.36 49.24 -10.61
C LYS A 51 -12.74 49.23 -9.12
N GLU A 52 -13.53 48.21 -8.69
CA GLU A 52 -13.96 48.01 -7.31
C GLU A 52 -12.81 47.62 -6.40
N GLY A 53 -11.69 47.19 -7.00
CA GLY A 53 -10.50 46.74 -6.30
C GLY A 53 -10.75 45.53 -5.43
N VAL A 54 -11.40 44.50 -6.02
CA VAL A 54 -11.77 43.26 -5.33
C VAL A 54 -11.12 41.99 -5.92
N GLU A 55 -10.11 42.14 -6.81
CA GLU A 55 -9.40 41.02 -7.47
C GLU A 55 -8.77 40.07 -6.46
N HIS A 56 -7.97 40.62 -5.52
CA HIS A 56 -7.28 39.86 -4.47
C HIS A 56 -8.30 39.18 -3.54
N GLN A 57 -9.40 39.90 -3.20
CA GLN A 57 -10.51 39.43 -2.38
C GLN A 57 -11.27 38.26 -3.04
N LEU A 58 -11.44 38.32 -4.39
CA LEU A 58 -12.11 37.29 -5.19
C LEU A 58 -11.20 36.08 -5.31
N ARG A 59 -9.89 36.32 -5.52
CA ARG A 59 -8.88 35.28 -5.64
C ARG A 59 -8.80 34.47 -4.33
N ARG A 60 -8.83 35.15 -3.15
CA ARG A 60 -8.81 34.47 -1.84
C ARG A 60 -10.04 33.57 -1.70
N GLU A 61 -11.25 34.08 -2.09
CA GLU A 61 -12.50 33.32 -2.02
C GLU A 61 -12.51 32.13 -2.96
N ILE A 62 -12.04 32.30 -4.23
CA ILE A 62 -11.97 31.21 -5.21
C ILE A 62 -11.01 30.13 -4.69
N GLU A 63 -9.80 30.54 -4.20
CA GLU A 63 -8.76 29.67 -3.64
C GLU A 63 -9.31 28.82 -2.50
N ILE A 64 -10.07 29.38 -1.60
CA ILE A 64 -10.66 28.60 -0.51
C ILE A 64 -11.80 27.70 -0.96
N GLN A 65 -12.80 28.23 -1.65
CA GLN A 65 -14.00 27.49 -2.08
C GLN A 65 -13.81 26.41 -3.12
N SER A 66 -12.78 26.49 -3.93
CA SER A 66 -12.58 25.49 -4.94
C SER A 66 -11.89 24.22 -4.40
N HIS A 67 -11.24 24.35 -3.26
CA HIS A 67 -10.53 23.23 -2.62
C HIS A 67 -11.33 22.54 -1.50
N LEU A 68 -12.57 22.98 -1.31
CA LEU A 68 -13.47 22.42 -0.31
C LEU A 68 -14.42 21.47 -1.02
N ARG A 69 -14.53 20.23 -0.51
CA ARG A 69 -15.44 19.24 -1.07
C ARG A 69 -16.25 18.63 0.09
N HIS A 70 -17.45 19.18 0.33
CA HIS A 70 -18.33 18.74 1.41
C HIS A 70 -19.78 18.87 0.97
N PRO A 71 -20.69 17.95 1.34
CA PRO A 71 -22.09 18.07 0.89
C PRO A 71 -22.85 19.32 1.36
N ASN A 72 -22.33 20.03 2.36
CA ASN A 72 -22.97 21.23 2.91
C ASN A 72 -22.19 22.51 2.65
N ILE A 73 -21.26 22.41 1.70
CA ILE A 73 -20.47 23.54 1.22
C ILE A 73 -20.77 23.63 -0.26
N LEU A 74 -21.27 24.80 -0.70
CA LEU A 74 -21.55 24.98 -2.11
C LEU A 74 -20.26 24.77 -2.94
N ARG A 75 -20.34 23.83 -3.85
CA ARG A 75 -19.21 23.46 -4.68
C ARG A 75 -18.94 24.41 -5.85
N MET A 76 -17.65 24.76 -6.05
CA MET A 76 -17.22 25.46 -7.25
C MET A 76 -16.57 24.35 -8.09
N TYR A 77 -17.17 24.00 -9.23
CA TYR A 77 -16.67 22.91 -10.09
C TYR A 77 -15.38 23.27 -10.81
N ASN A 78 -15.36 24.48 -11.40
CA ASN A 78 -14.22 25.01 -12.14
C ASN A 78 -14.51 26.47 -12.49
N TYR A 79 -13.62 27.06 -13.29
CA TYR A 79 -13.74 28.41 -13.81
C TYR A 79 -13.04 28.54 -15.16
N PHE A 80 -13.49 29.49 -15.97
CA PHE A 80 -12.91 29.82 -17.25
C PHE A 80 -13.07 31.32 -17.49
N HIS A 81 -12.40 31.83 -18.52
CA HIS A 81 -12.48 33.25 -18.82
C HIS A 81 -12.35 33.52 -20.31
N ASP A 82 -12.81 34.69 -20.71
CA ASP A 82 -12.66 35.20 -22.07
C ASP A 82 -12.07 36.59 -21.92
N ARG A 83 -12.08 37.38 -23.00
CA ARG A 83 -11.55 38.74 -23.08
C ARG A 83 -12.04 39.65 -21.96
N LYS A 84 -13.36 39.65 -21.70
CA LYS A 84 -13.99 40.57 -20.75
C LYS A 84 -14.54 39.97 -19.46
N ARG A 85 -14.79 38.66 -19.43
CA ARG A 85 -15.44 38.02 -18.29
C ARG A 85 -14.71 36.82 -17.70
N ILE A 86 -14.96 36.56 -16.41
CA ILE A 86 -14.51 35.39 -15.64
C ILE A 86 -15.82 34.69 -15.33
N TYR A 87 -15.89 33.39 -15.60
CA TYR A 87 -17.10 32.62 -15.37
C TYR A 87 -16.79 31.57 -14.31
N LEU A 88 -17.63 31.50 -13.27
CA LEU A 88 -17.48 30.51 -12.20
C LEU A 88 -18.57 29.48 -12.38
N MET A 89 -18.15 28.21 -12.53
CA MET A 89 -19.02 27.06 -12.67
C MET A 89 -19.29 26.57 -11.27
N LEU A 90 -20.53 26.76 -10.83
CA LEU A 90 -20.92 26.52 -9.45
C LEU A 90 -22.08 25.59 -9.32
N GLU A 91 -22.14 24.92 -8.15
CA GLU A 91 -23.25 24.04 -7.82
C GLU A 91 -24.54 24.85 -7.79
N PHE A 92 -25.61 24.32 -8.37
CA PHE A 92 -26.89 24.97 -8.33
C PHE A 92 -27.60 24.46 -7.08
N ALA A 93 -28.10 25.37 -6.24
CA ALA A 93 -28.83 25.04 -4.99
C ALA A 93 -30.31 25.34 -5.31
N PRO A 94 -31.10 24.31 -5.70
CA PRO A 94 -32.47 24.54 -6.19
C PRO A 94 -33.45 25.26 -5.30
N ARG A 95 -33.30 25.14 -3.97
CA ARG A 95 -34.23 25.82 -3.08
C ARG A 95 -33.86 27.25 -2.76
N GLY A 96 -32.73 27.70 -3.32
CA GLY A 96 -32.27 29.07 -3.21
C GLY A 96 -31.85 29.54 -1.82
N GLU A 97 -32.12 30.82 -1.56
CA GLU A 97 -31.75 31.55 -0.36
C GLU A 97 -32.42 31.10 0.92
N LEU A 98 -31.60 30.68 1.91
CA LEU A 98 -32.12 30.24 3.21
C LEU A 98 -32.77 31.46 3.90
N TYR A 99 -32.19 32.66 3.80
CA TYR A 99 -32.76 33.84 4.46
C TYR A 99 -34.19 34.14 3.99
N LYS A 100 -34.50 33.91 2.69
CA LYS A 100 -35.84 34.15 2.14
C LYS A 100 -36.82 33.20 2.77
N GLU A 101 -36.36 31.95 2.99
CA GLU A 101 -37.15 30.92 3.66
C GLU A 101 -37.40 31.31 5.11
N LEU A 102 -36.38 31.86 5.79
CA LEU A 102 -36.54 32.30 7.18
C LEU A 102 -37.53 33.46 7.28
N GLN A 103 -37.38 34.47 6.40
CA GLN A 103 -38.26 35.63 6.30
C GLN A 103 -39.73 35.20 6.07
N LYS A 104 -39.95 34.26 5.17
CA LYS A 104 -41.25 33.71 4.78
C LYS A 104 -41.93 33.01 5.96
N HIS A 105 -41.18 32.18 6.71
CA HIS A 105 -41.72 31.43 7.84
C HIS A 105 -41.74 32.19 9.15
N GLY A 106 -40.94 33.24 9.25
CA GLY A 106 -40.80 34.01 10.50
C GLY A 106 -39.75 33.35 11.38
N ARG A 107 -39.93 32.06 11.68
CA ARG A 107 -38.97 31.26 12.43
C ARG A 107 -39.08 29.81 11.97
N PHE A 108 -38.01 29.02 12.17
CA PHE A 108 -38.04 27.61 11.83
C PHE A 108 -38.40 26.78 13.05
N ASP A 109 -39.02 25.64 12.83
CA ASP A 109 -39.34 24.71 13.89
C ASP A 109 -38.04 24.01 14.34
N GLU A 110 -38.12 23.25 15.43
CA GLU A 110 -36.95 22.58 16.01
C GLU A 110 -36.27 21.56 15.08
N GLN A 111 -37.08 20.85 14.29
CA GLN A 111 -36.56 19.85 13.33
C GLN A 111 -35.70 20.52 12.27
N ARG A 112 -36.27 21.53 11.62
CA ARG A 112 -35.61 22.29 10.57
C ARG A 112 -34.30 22.93 11.11
N SER A 113 -34.39 23.56 12.29
CA SER A 113 -33.24 24.22 12.90
C SER A 113 -32.16 23.22 13.27
N ALA A 114 -32.52 22.12 13.92
CA ALA A 114 -31.53 21.10 14.33
C ALA A 114 -30.88 20.47 13.14
N THR A 115 -31.64 20.25 12.05
CA THR A 115 -31.05 19.65 10.83
C THR A 115 -29.99 20.62 10.28
N PHE A 116 -30.35 21.92 10.17
CA PHE A 116 -29.41 22.93 9.67
C PHE A 116 -28.19 23.03 10.56
N MET A 117 -28.38 22.93 11.89
CA MET A 117 -27.25 23.01 12.84
C MET A 117 -26.29 21.83 12.67
N GLU A 118 -26.85 20.63 12.42
CA GLU A 118 -25.97 19.47 12.25
C GLU A 118 -25.14 19.63 10.95
N GLU A 119 -25.80 20.06 9.88
CA GLU A 119 -25.18 20.29 8.56
C GLU A 119 -24.12 21.37 8.66
N LEU A 120 -24.44 22.47 9.35
CA LEU A 120 -23.51 23.57 9.55
C LEU A 120 -22.28 23.15 10.34
N ALA A 121 -22.47 22.49 11.50
CA ALA A 121 -21.35 22.08 12.34
C ALA A 121 -20.43 21.11 11.62
N ASP A 122 -21.00 20.22 10.79
CA ASP A 122 -20.25 19.25 9.98
C ASP A 122 -19.40 19.99 8.92
N ALA A 123 -20.02 20.93 8.20
CA ALA A 123 -19.30 21.75 7.18
C ALA A 123 -18.18 22.59 7.83
N LEU A 124 -18.48 23.27 8.96
CA LEU A 124 -17.47 24.08 9.67
C LEU A 124 -16.33 23.22 10.25
N HIS A 125 -16.66 21.99 10.71
CA HIS A 125 -15.64 21.07 11.26
C HIS A 125 -14.69 20.70 10.13
N TYR A 126 -15.25 20.40 8.94
CA TYR A 126 -14.48 20.10 7.73
C TYR A 126 -13.54 21.29 7.41
N CYS A 127 -14.05 22.55 7.50
CA CYS A 127 -13.26 23.76 7.28
C CYS A 127 -12.14 23.90 8.30
N HIS A 128 -12.49 23.76 9.57
CA HIS A 128 -11.55 23.96 10.65
C HIS A 128 -10.42 22.95 10.61
N GLU A 129 -10.73 21.74 10.18
CA GLU A 129 -9.79 20.67 10.01
C GLU A 129 -8.73 21.10 8.99
N ARG A 130 -9.10 21.99 8.10
CA ARG A 130 -8.20 22.48 7.07
C ARG A 130 -7.72 23.88 7.30
N LYS A 131 -7.86 24.33 8.52
CA LYS A 131 -7.42 25.66 8.99
C LYS A 131 -8.13 26.81 8.28
N VAL A 132 -9.35 26.56 7.79
CA VAL A 132 -10.16 27.59 7.15
C VAL A 132 -11.18 28.09 8.20
N ILE A 133 -11.16 29.40 8.55
CA ILE A 133 -12.12 30.02 9.48
C ILE A 133 -13.11 30.78 8.60
N HIS A 134 -14.43 30.56 8.76
CA HIS A 134 -15.44 31.21 7.94
C HIS A 134 -15.60 32.71 8.26
N ARG A 135 -15.84 33.03 9.56
CA ARG A 135 -15.97 34.37 10.16
C ARG A 135 -17.21 35.17 9.79
N ASP A 136 -18.12 34.59 9.00
CA ASP A 136 -19.32 35.33 8.63
C ASP A 136 -20.52 34.42 8.43
N ILE A 137 -20.69 33.45 9.34
CA ILE A 137 -21.86 32.58 9.27
C ILE A 137 -23.08 33.41 9.65
N LYS A 138 -24.08 33.45 8.75
CA LYS A 138 -25.35 34.16 8.95
C LYS A 138 -26.35 33.59 7.90
N PRO A 139 -27.67 33.74 8.08
CA PRO A 139 -28.63 33.14 7.12
C PRO A 139 -28.43 33.50 5.65
N GLU A 140 -28.08 34.78 5.37
CA GLU A 140 -27.87 35.34 4.02
C GLU A 140 -26.70 34.67 3.29
N ASN A 141 -25.81 33.98 4.01
CA ASN A 141 -24.65 33.33 3.39
C ASN A 141 -24.89 31.85 3.12
N LEU A 142 -26.14 31.41 3.29
CA LEU A 142 -26.51 30.02 3.15
C LEU A 142 -27.56 29.81 2.08
N LEU A 143 -27.35 28.78 1.28
CA LEU A 143 -28.32 28.35 0.27
C LEU A 143 -28.85 26.98 0.66
N MET A 144 -29.87 26.48 -0.06
CA MET A 144 -30.48 25.21 0.22
C MET A 144 -30.51 24.34 -1.02
N GLY A 145 -30.10 23.09 -0.85
CA GLY A 145 -30.05 22.07 -1.89
C GLY A 145 -31.43 21.54 -2.26
N TYR A 146 -31.48 20.54 -3.16
CA TYR A 146 -32.73 19.95 -3.63
C TYR A 146 -33.68 19.44 -2.52
N LYS A 147 -33.12 18.80 -1.48
CA LYS A 147 -33.87 18.31 -0.33
C LYS A 147 -33.79 19.30 0.86
N GLY A 148 -33.51 20.56 0.56
CA GLY A 148 -33.42 21.62 1.57
C GLY A 148 -32.16 21.60 2.42
N GLU A 149 -31.15 20.77 2.03
CA GLU A 149 -29.88 20.68 2.75
C GLU A 149 -29.10 21.98 2.71
N LEU A 150 -28.56 22.38 3.86
CA LEU A 150 -27.79 23.61 4.01
C LEU A 150 -26.58 23.60 3.07
N LYS A 151 -26.26 24.75 2.47
CA LYS A 151 -25.08 24.91 1.61
C LYS A 151 -24.41 26.23 2.00
N ILE A 152 -23.21 26.19 2.60
CA ILE A 152 -22.46 27.43 2.89
C ILE A 152 -22.05 27.95 1.50
N ALA A 153 -22.56 29.14 1.14
CA ALA A 153 -22.41 29.68 -0.21
C ALA A 153 -21.55 30.95 -0.39
N ASP A 154 -21.19 31.62 0.73
CA ASP A 154 -20.38 32.82 0.69
C ASP A 154 -19.21 32.63 1.64
N PHE A 155 -17.98 32.87 1.13
CA PHE A 155 -16.72 32.75 1.87
C PHE A 155 -15.94 34.09 1.82
N GLY A 156 -16.70 35.19 1.70
CA GLY A 156 -16.21 36.55 1.59
C GLY A 156 -15.28 37.05 2.68
N TRP A 157 -15.48 36.59 3.94
CA TRP A 157 -14.65 36.94 5.10
C TRP A 157 -13.73 35.80 5.54
N SER A 158 -13.78 34.66 4.84
CA SER A 158 -13.01 33.47 5.20
C SER A 158 -11.52 33.65 5.02
N VAL A 159 -10.76 32.94 5.83
CA VAL A 159 -9.31 33.01 5.83
C VAL A 159 -8.70 31.63 6.13
N HIS A 160 -7.54 31.35 5.54
CA HIS A 160 -6.80 30.14 5.86
C HIS A 160 -5.76 30.62 6.90
N ALA A 161 -6.02 30.35 8.20
CA ALA A 161 -5.14 30.80 9.28
C ALA A 161 -4.40 29.60 9.92
N ARG A 166 -5.26 36.31 14.57
CA ARG A 166 -5.99 37.15 13.63
C ARG A 166 -6.57 38.38 14.34
N ARG A 167 -6.55 39.54 13.67
CA ARG A 167 -7.10 40.79 14.23
C ARG A 167 -8.15 41.41 13.31
N MET A 169 -11.19 42.76 12.05
CA MET A 169 -12.54 43.01 12.58
C MET A 169 -13.46 42.80 11.39
N CYS A 170 -14.21 41.69 11.41
CA CYS A 170 -15.08 41.32 10.30
C CYS A 170 -16.29 40.54 10.72
N GLY A 171 -17.22 40.48 9.79
CA GLY A 171 -18.49 39.80 9.93
C GLY A 171 -19.64 40.77 9.82
N THR A 172 -20.66 40.48 10.62
CA THR A 172 -21.90 41.23 10.60
C THR A 172 -22.24 41.59 12.05
N LEU A 173 -22.61 42.87 12.30
CA LEU A 173 -22.97 43.41 13.62
C LEU A 173 -23.63 42.43 14.62
N ASP A 174 -24.81 41.88 14.27
CA ASP A 174 -25.55 41.00 15.16
C ASP A 174 -24.85 39.69 15.49
N TYR A 175 -23.91 39.27 14.65
CA TYR A 175 -23.19 38.01 14.72
C TYR A 175 -21.78 38.16 15.32
N LEU A 176 -21.32 39.40 15.55
CA LEU A 176 -19.97 39.65 16.09
C LEU A 176 -19.72 39.04 17.47
N PRO A 177 -18.64 38.24 17.59
CA PRO A 177 -18.28 37.69 18.90
C PRO A 177 -17.70 38.79 19.80
N PRO A 178 -17.74 38.61 21.14
CA PRO A 178 -17.16 39.64 22.04
C PRO A 178 -15.72 40.03 21.75
N GLU A 179 -14.88 39.07 21.44
CA GLU A 179 -13.49 39.31 21.17
C GLU A 179 -13.23 40.20 19.97
N MET A 180 -14.10 40.17 19.00
CA MET A 180 -13.96 41.06 17.90
C MET A 180 -14.37 42.48 18.28
N ILE A 181 -15.47 42.63 18.96
CA ILE A 181 -15.92 43.92 19.38
C ILE A 181 -14.88 44.58 20.28
N GLU A 182 -14.26 43.79 21.11
CA GLU A 182 -13.27 44.26 22.06
C GLU A 182 -11.86 44.46 21.50
N GLY A 183 -11.69 44.20 20.20
CA GLY A 183 -10.43 44.37 19.50
C GLY A 183 -9.32 43.43 19.93
N LYS A 184 -9.68 42.22 20.39
CA LYS A 184 -8.70 41.22 20.79
C LYS A 184 -8.38 40.36 19.57
N THR A 185 -7.34 39.54 19.70
CA THR A 185 -7.00 38.59 18.65
C THR A 185 -8.15 37.54 18.66
N HIS A 186 -8.39 36.91 17.52
CA HIS A 186 -9.41 35.89 17.44
C HIS A 186 -8.88 34.68 16.71
N ASP A 187 -9.56 33.54 16.88
CA ASP A 187 -9.20 32.27 16.24
C ASP A 187 -10.46 31.63 15.62
N GLU A 188 -10.40 30.32 15.32
CA GLU A 188 -11.53 29.58 14.74
C GLU A 188 -12.79 29.56 15.62
N LYS A 189 -12.63 29.83 16.93
CA LYS A 189 -13.75 29.83 17.91
C LYS A 189 -14.79 30.91 17.65
N VAL A 190 -14.49 31.89 16.76
CA VAL A 190 -15.47 32.90 16.33
C VAL A 190 -16.63 32.19 15.62
N ASP A 191 -16.34 31.10 14.87
CA ASP A 191 -17.37 30.35 14.13
C ASP A 191 -18.31 29.63 15.10
N LEU A 192 -17.80 29.24 16.30
CA LEU A 192 -18.60 28.61 17.34
C LEU A 192 -19.64 29.60 17.86
N TRP A 193 -19.20 30.83 18.14
CA TRP A 193 -20.09 31.90 18.58
C TRP A 193 -21.15 32.17 17.48
N CYS A 194 -20.74 32.37 16.21
CA CYS A 194 -21.68 32.67 15.14
C CYS A 194 -22.70 31.55 14.93
N ALA A 195 -22.28 30.29 15.16
CA ALA A 195 -23.17 29.14 15.06
C ALA A 195 -24.26 29.24 16.14
N GLY A 196 -23.90 29.74 17.34
CA GLY A 196 -24.87 29.94 18.42
C GLY A 196 -25.88 31.03 18.09
N VAL A 197 -25.40 32.14 17.52
CA VAL A 197 -26.24 33.28 17.09
C VAL A 197 -27.20 32.77 15.98
N LEU A 198 -26.68 31.99 15.02
CA LEU A 198 -27.47 31.39 13.92
C LEU A 198 -28.56 30.49 14.44
N CYS A 199 -28.23 29.61 15.41
CA CYS A 199 -29.21 28.69 15.99
C CYS A 199 -30.36 29.48 16.62
N TYR A 200 -30.01 30.52 17.39
CA TYR A 200 -31.00 31.39 18.02
C TYR A 200 -31.89 32.06 16.95
N GLU A 201 -31.28 32.67 15.94
CA GLU A 201 -32.04 33.35 14.88
C GLU A 201 -32.97 32.39 14.11
N PHE A 202 -32.51 31.16 13.85
CA PHE A 202 -33.35 30.14 13.21
C PHE A 202 -34.64 29.90 14.00
N LEU A 203 -34.49 29.71 15.33
CA LEU A 203 -35.60 29.35 16.20
C LEU A 203 -36.45 30.51 16.61
N VAL A 204 -35.86 31.69 16.69
CA VAL A 204 -36.53 32.88 17.20
C VAL A 204 -37.03 33.83 16.09
N GLY A 205 -36.28 33.94 15.01
CA GLY A 205 -36.61 34.84 13.90
C GLY A 205 -35.86 36.16 13.93
N MET A 206 -35.14 36.40 15.04
CA MET A 206 -34.34 37.60 15.24
C MET A 206 -33.03 37.21 15.92
N PRO A 207 -31.91 37.90 15.65
CA PRO A 207 -30.67 37.58 16.39
C PRO A 207 -30.79 37.95 17.89
N PRO A 208 -30.04 37.26 18.78
CA PRO A 208 -30.23 37.44 20.24
C PRO A 208 -29.95 38.81 20.86
N PHE A 209 -29.03 39.56 20.27
CA PHE A 209 -28.60 40.85 20.81
C PHE A 209 -29.10 42.06 20.02
N ASP A 210 -30.22 41.84 19.27
CA ASP A 210 -30.89 42.86 18.46
C ASP A 210 -31.24 44.08 19.33
N SER A 211 -30.83 45.27 18.91
CA SER A 211 -31.09 46.50 19.68
C SER A 211 -31.25 47.71 18.76
N PRO A 212 -31.88 48.84 19.23
CA PRO A 212 -32.02 50.03 18.37
C PRO A 212 -30.71 50.67 17.91
N SER A 213 -29.67 50.63 18.76
CA SER A 213 -28.37 51.24 18.48
C SER A 213 -27.22 50.25 18.46
N HIS A 214 -26.14 50.59 17.73
CA HIS A 214 -24.91 49.81 17.64
C HIS A 214 -24.27 49.64 19.03
N THR A 215 -24.25 50.73 19.83
CA THR A 215 -23.67 50.72 21.18
C THR A 215 -24.42 49.78 22.14
N GLU A 216 -25.75 49.72 22.07
CA GLU A 216 -26.54 48.80 22.89
C GLU A 216 -26.35 47.35 22.41
N THR A 217 -26.20 47.10 21.07
CA THR A 217 -25.94 45.76 20.53
C THR A 217 -24.55 45.30 21.00
N HIS A 218 -23.53 46.19 20.89
CA HIS A 218 -22.17 45.94 21.39
C HIS A 218 -22.23 45.55 22.88
N ARG A 219 -22.98 46.33 23.69
CA ARG A 219 -23.14 46.12 25.14
C ARG A 219 -23.76 44.75 25.44
N ARG A 220 -24.84 44.40 24.70
CA ARG A 220 -25.51 43.10 24.91
C ARG A 220 -24.59 41.92 24.55
N ILE A 221 -23.77 42.08 23.50
CA ILE A 221 -22.84 41.03 23.06
C ILE A 221 -21.76 40.77 24.14
N VAL A 222 -21.04 41.84 24.57
CA VAL A 222 -19.94 41.74 25.54
C VAL A 222 -20.37 41.25 26.92
N ASN A 223 -21.63 41.51 27.28
CA ASN A 223 -22.20 41.04 28.53
C ASN A 223 -22.97 39.74 28.32
N VAL A 224 -22.98 39.20 27.09
CA VAL A 224 -23.78 37.99 26.74
C VAL A 224 -25.19 38.12 27.34
N ASP A 225 -25.84 39.27 27.03
CA ASP A 225 -27.18 39.56 27.55
C ASP A 225 -28.26 38.76 26.78
N LEU A 226 -28.22 37.44 26.94
CA LEU A 226 -29.07 36.46 26.29
C LEU A 226 -30.42 36.34 27.02
N LYS A 227 -31.55 36.68 26.34
CA LYS A 227 -32.92 36.67 26.84
C LYS A 227 -33.77 35.74 25.98
N PHE A 228 -33.78 34.46 26.36
CA PHE A 228 -34.50 33.44 25.62
C PHE A 228 -36.00 33.59 25.66
N PRO A 229 -36.69 33.62 24.49
CA PRO A 229 -38.17 33.63 24.49
C PRO A 229 -38.75 32.35 25.14
N PRO A 230 -39.91 32.44 25.83
CA PRO A 230 -40.48 31.26 26.53
C PRO A 230 -40.87 30.07 25.66
N PHE A 231 -41.06 30.26 24.35
CA PHE A 231 -41.43 29.16 23.46
C PHE A 231 -40.28 28.18 23.15
N LEU A 232 -39.01 28.54 23.44
CA LEU A 232 -37.87 27.65 23.18
C LEU A 232 -37.83 26.46 24.15
N SER A 233 -37.49 25.29 23.63
CA SER A 233 -37.31 24.09 24.44
C SER A 233 -36.03 24.23 25.26
N ASP A 234 -35.93 23.45 26.35
CA ASP A 234 -34.75 23.40 27.20
C ASP A 234 -33.53 22.96 26.40
N GLY A 235 -33.70 21.95 25.53
CA GLY A 235 -32.63 21.46 24.67
C GLY A 235 -32.02 22.51 23.76
N SER A 236 -32.85 23.31 23.05
CA SER A 236 -32.31 24.35 22.16
C SER A 236 -31.59 25.44 22.97
N LYS A 237 -32.14 25.83 24.13
CA LYS A 237 -31.52 26.82 25.01
C LYS A 237 -30.19 26.28 25.53
N ASP A 238 -30.14 24.97 25.82
CA ASP A 238 -28.90 24.33 26.28
C ASP A 238 -27.80 24.48 25.24
N LEU A 239 -28.07 24.11 23.98
CA LEU A 239 -27.10 24.23 22.88
C LEU A 239 -26.67 25.67 22.65
N ILE A 240 -27.64 26.59 22.60
CA ILE A 240 -27.31 28.00 22.36
C ILE A 240 -26.44 28.56 23.50
N SER A 241 -26.82 28.32 24.75
CA SER A 241 -26.03 28.82 25.89
C SER A 241 -24.60 28.29 25.84
N LYS A 242 -24.43 27.02 25.39
CA LYS A 242 -23.12 26.38 25.32
C LYS A 242 -22.23 26.91 24.22
N LEU A 243 -22.84 27.47 23.16
CA LEU A 243 -22.09 28.10 22.08
C LEU A 243 -21.78 29.58 22.38
N LEU A 244 -22.77 30.29 22.95
CA LEU A 244 -22.63 31.73 23.25
C LEU A 244 -21.94 31.99 24.57
N ARG A 245 -20.66 31.62 24.66
CA ARG A 245 -19.84 31.80 25.82
C ARG A 245 -18.92 32.99 25.55
N TYR A 246 -18.76 33.85 26.54
CA TYR A 246 -17.86 34.99 26.42
C TYR A 246 -16.43 34.52 26.11
N HIS A 247 -15.92 33.51 26.85
CA HIS A 247 -14.56 33.03 26.68
C HIS A 247 -14.53 32.05 25.53
N PRO A 248 -13.80 32.37 24.45
CA PRO A 248 -13.76 31.41 23.32
C PRO A 248 -13.42 29.97 23.69
N PRO A 249 -12.39 29.63 24.54
CA PRO A 249 -12.11 28.21 24.83
C PRO A 249 -13.25 27.46 25.56
N GLN A 250 -14.20 28.17 26.15
CA GLN A 250 -15.32 27.52 26.86
C GLN A 250 -16.47 27.17 25.93
N ARG A 251 -16.43 27.63 24.67
CA ARG A 251 -17.49 27.39 23.68
C ARG A 251 -17.54 25.93 23.30
N LEU A 252 -18.75 25.40 23.14
CA LEU A 252 -18.93 23.99 22.77
C LEU A 252 -18.27 23.74 21.42
N PRO A 253 -17.36 22.74 21.30
CA PRO A 253 -16.72 22.47 20.01
C PRO A 253 -17.78 22.00 18.98
N LEU A 254 -17.46 22.08 17.69
CA LEU A 254 -18.34 21.64 16.60
C LEU A 254 -18.76 20.18 16.71
N LYS A 255 -17.84 19.31 17.16
CA LYS A 255 -18.18 17.91 17.41
C LYS A 255 -19.22 17.82 18.52
N GLY A 256 -19.13 18.73 19.49
CA GLY A 256 -20.10 18.82 20.59
C GLY A 256 -21.48 19.23 20.09
N VAL A 257 -21.54 20.11 19.05
CA VAL A 257 -22.83 20.52 18.44
C VAL A 257 -23.49 19.30 17.78
N MET A 258 -22.70 18.56 16.98
CA MET A 258 -23.16 17.35 16.28
C MET A 258 -23.67 16.25 17.21
N GLU A 259 -23.06 16.13 18.38
CA GLU A 259 -23.38 15.16 19.43
C GLU A 259 -24.41 15.64 20.42
N HIS A 260 -24.78 16.95 20.36
CA HIS A 260 -25.71 17.50 21.34
C HIS A 260 -27.04 16.73 21.31
N PRO A 261 -27.59 16.34 22.50
CA PRO A 261 -28.84 15.55 22.49
C PRO A 261 -29.98 16.22 21.75
N TRP A 262 -30.08 17.57 21.79
CA TRP A 262 -31.16 18.27 21.06
C TRP A 262 -30.99 18.10 19.53
N VAL A 263 -29.75 18.11 19.07
CA VAL A 263 -29.46 17.89 17.65
C VAL A 263 -29.79 16.42 17.27
N LYS A 264 -29.31 15.45 18.08
CA LYS A 264 -29.60 14.02 17.84
C LYS A 264 -31.09 13.74 17.78
N ALA A 265 -31.86 14.28 18.71
CA ALA A 265 -33.30 14.06 18.82
C ALA A 265 -34.14 14.74 17.75
N ASN A 266 -33.66 15.86 17.18
CA ASN A 266 -34.44 16.68 16.26
C ASN A 266 -34.02 16.73 14.81
N SER A 267 -32.75 16.51 14.52
CA SER A 267 -32.23 16.56 13.16
C SER A 267 -32.82 15.42 12.29
N ARG A 268 -33.09 15.72 11.02
CA ARG A 268 -33.60 14.75 10.04
C ARG A 268 -32.69 14.91 8.86
N ARG A 269 -31.42 15.10 9.12
CA ARG A 269 -30.44 15.27 8.09
C ARG A 269 -30.33 14.06 7.16
N VAL A 270 -30.30 14.34 5.86
CA VAL A 270 -30.09 13.31 4.84
C VAL A 270 -28.86 13.69 4.05
N LEU A 271 -27.94 12.76 3.86
CA LEU A 271 -26.77 13.01 3.04
C LEU A 271 -27.17 12.85 1.56
N PRO A 272 -26.80 13.81 0.70
CA PRO A 272 -27.15 13.67 -0.73
C PRO A 272 -26.45 12.45 -1.34
N PRO A 273 -27.02 11.78 -2.35
CA PRO A 273 -26.30 10.66 -2.99
C PRO A 273 -24.93 11.04 -3.54
N VAL A 274 -23.94 10.16 -3.40
CA VAL A 274 -22.59 10.36 -3.93
C VAL A 274 -22.52 9.65 -5.29
N TYR A 275 -21.44 9.92 -6.06
CA TYR A 275 -21.21 9.27 -7.36
C TYR A 275 -20.72 7.85 -7.08
N ALA B 1 38.19 -47.33 27.37
CA ALA B 1 37.17 -47.46 26.34
C ALA B 1 35.75 -47.20 26.87
N GLU B 2 34.96 -46.42 26.12
CA GLU B 2 33.58 -46.06 26.44
C GLU B 2 32.65 -46.67 25.38
N MET B 3 31.50 -47.23 25.83
CA MET B 3 30.46 -47.85 25.00
C MET B 3 30.06 -46.91 23.83
N PRO B 4 30.11 -47.35 22.55
CA PRO B 4 29.81 -46.42 21.45
C PRO B 4 28.34 -46.07 21.35
N LYS B 5 28.04 -44.78 21.08
CA LYS B 5 26.66 -44.30 20.90
C LYS B 5 26.06 -44.93 19.65
N ARG B 6 24.75 -45.15 19.66
CA ARG B 6 24.05 -45.74 18.53
C ARG B 6 24.09 -44.85 17.30
N LYS B 7 24.05 -45.46 16.16
CA LYS B 7 23.99 -44.81 14.88
C LYS B 7 22.77 -45.37 14.16
N PHE B 8 22.33 -44.72 13.08
CA PHE B 8 21.25 -45.25 12.29
C PHE B 8 21.77 -46.44 11.54
N THR B 9 20.87 -47.31 11.17
CA THR B 9 21.13 -48.57 10.49
C THR B 9 20.01 -48.70 9.45
N ILE B 10 20.19 -49.54 8.39
CA ILE B 10 19.17 -49.75 7.35
C ILE B 10 17.83 -50.28 7.97
N ASP B 11 17.90 -51.00 9.12
CA ASP B 11 16.73 -51.54 9.80
C ASP B 11 15.86 -50.46 10.44
N ASP B 12 16.35 -49.21 10.51
CA ASP B 12 15.56 -48.11 11.06
C ASP B 12 14.60 -47.52 10.03
N PHE B 13 14.55 -48.09 8.81
CA PHE B 13 13.74 -47.53 7.71
C PHE B 13 12.86 -48.53 6.97
N ASP B 14 11.69 -48.05 6.51
CA ASP B 14 10.79 -48.77 5.61
C ASP B 14 10.97 -48.09 4.27
N ILE B 15 11.47 -48.81 3.26
CA ILE B 15 11.65 -48.23 1.93
C ILE B 15 10.28 -48.22 1.28
N VAL B 16 9.78 -47.02 0.96
CA VAL B 16 8.46 -46.85 0.36
C VAL B 16 8.51 -47.11 -1.15
N ARG B 17 9.40 -46.40 -1.87
CA ARG B 17 9.56 -46.52 -3.31
C ARG B 17 10.84 -45.81 -3.82
N PRO B 18 11.36 -46.16 -5.02
CA PRO B 18 12.50 -45.42 -5.54
C PRO B 18 12.05 -44.03 -6.02
N LEU B 19 12.93 -43.03 -5.89
CA LEU B 19 12.61 -41.68 -6.36
C LEU B 19 13.31 -41.42 -7.68
N GLY B 20 14.34 -42.20 -7.95
CA GLY B 20 15.14 -42.13 -9.16
C GLY B 20 16.62 -42.18 -8.89
N LYS B 21 17.40 -42.14 -9.97
CA LYS B 21 18.84 -42.13 -9.92
C LYS B 21 19.29 -40.71 -9.56
N GLY B 22 20.13 -40.61 -8.54
CA GLY B 22 20.73 -39.36 -8.10
C GLY B 22 22.21 -39.41 -8.41
N LYS B 23 22.97 -38.39 -8.00
CA LYS B 23 24.39 -38.38 -8.21
C LYS B 23 25.03 -39.45 -7.31
N PHE B 24 25.85 -40.32 -7.89
CA PHE B 24 26.56 -41.41 -7.24
C PHE B 24 25.70 -42.55 -6.62
N GLY B 25 24.39 -42.55 -6.83
CA GLY B 25 23.54 -43.61 -6.30
C GLY B 25 22.05 -43.40 -6.41
N ASN B 26 21.28 -44.49 -6.20
CA ASN B 26 19.82 -44.43 -6.26
C ASN B 26 19.26 -43.76 -5.02
N VAL B 27 18.13 -43.09 -5.18
CA VAL B 27 17.47 -42.38 -4.10
C VAL B 27 16.14 -43.05 -3.88
N TYR B 28 15.80 -43.26 -2.62
CA TYR B 28 14.56 -43.92 -2.23
C TYR B 28 13.77 -43.06 -1.29
N LEU B 29 12.45 -43.14 -1.39
CA LEU B 29 11.55 -42.50 -0.45
C LEU B 29 11.46 -43.54 0.68
N ALA B 30 11.79 -43.13 1.90
CA ALA B 30 11.82 -44.03 3.04
C ALA B 30 11.17 -43.40 4.24
N ARG B 31 10.66 -44.24 5.16
CA ARG B 31 10.06 -43.75 6.39
C ARG B 31 10.88 -44.26 7.54
N GLU B 32 11.40 -43.34 8.34
CA GLU B 32 12.19 -43.69 9.50
C GLU B 32 11.18 -44.16 10.54
N LYS B 33 11.35 -45.41 11.03
CA LYS B 33 10.42 -46.15 11.91
C LYS B 33 9.96 -45.50 13.21
N GLN B 34 10.90 -45.00 14.02
CA GLN B 34 10.66 -44.39 15.33
C GLN B 34 9.73 -43.19 15.25
N ASN B 35 10.07 -42.20 14.42
CA ASN B 35 9.27 -40.99 14.30
C ASN B 35 8.28 -41.01 13.14
N LYS B 36 8.25 -42.12 12.34
CA LYS B 36 7.37 -42.25 11.17
C LYS B 36 7.58 -41.05 10.22
N PHE B 37 8.84 -40.60 10.12
CA PHE B 37 9.24 -39.45 9.33
C PHE B 37 9.72 -39.85 7.94
N ILE B 38 9.10 -39.25 6.93
CA ILE B 38 9.38 -39.47 5.52
C ILE B 38 10.61 -38.67 5.14
N MET B 39 11.56 -39.34 4.51
CA MET B 39 12.80 -38.73 4.05
C MET B 39 13.28 -39.40 2.79
N ALA B 40 14.36 -38.89 2.20
CA ALA B 40 14.97 -39.50 1.05
C ALA B 40 16.19 -40.24 1.56
N LEU B 41 16.44 -41.41 0.99
CA LEU B 41 17.58 -42.20 1.40
C LEU B 41 18.39 -42.49 0.16
N LYS B 42 19.61 -41.94 0.11
CA LYS B 42 20.49 -42.19 -1.02
C LYS B 42 21.41 -43.32 -0.60
N VAL B 43 21.52 -44.33 -1.47
CA VAL B 43 22.35 -45.50 -1.27
C VAL B 43 23.53 -45.40 -2.21
N LEU B 44 24.73 -45.38 -1.65
CA LEU B 44 25.96 -45.28 -2.43
C LEU B 44 26.74 -46.57 -2.28
N PHE B 45 27.18 -47.15 -3.40
CA PHE B 45 27.97 -48.36 -3.39
C PHE B 45 29.42 -47.95 -3.34
N LYS B 46 30.10 -48.35 -2.25
CA LYS B 46 31.51 -48.03 -2.01
C LYS B 46 32.44 -48.40 -3.18
N SER B 47 32.24 -49.58 -3.81
CA SER B 47 33.06 -50.00 -4.95
C SER B 47 32.89 -49.03 -6.12
N GLN B 48 31.64 -48.60 -6.42
CA GLN B 48 31.32 -47.66 -7.50
C GLN B 48 31.96 -46.31 -7.27
N LEU B 49 31.99 -45.83 -6.00
CA LEU B 49 32.61 -44.55 -5.63
C LEU B 49 34.11 -44.61 -5.88
N GLU B 50 34.74 -45.74 -5.51
CA GLU B 50 36.16 -46.03 -5.68
C GLU B 50 36.53 -46.10 -7.17
N LYS B 51 35.76 -46.89 -7.95
CA LYS B 51 35.94 -47.10 -9.41
C LYS B 51 35.82 -45.76 -10.15
N GLU B 52 34.75 -44.98 -9.85
CA GLU B 52 34.53 -43.67 -10.45
C GLU B 52 35.47 -42.58 -9.89
N GLY B 53 36.24 -42.92 -8.84
CA GLY B 53 37.20 -42.07 -8.17
C GLY B 53 36.60 -40.78 -7.64
N VAL B 54 35.48 -40.89 -6.91
CA VAL B 54 34.72 -39.74 -6.37
C VAL B 54 34.61 -39.72 -4.82
N GLU B 55 35.39 -40.56 -4.12
CA GLU B 55 35.39 -40.69 -2.65
C GLU B 55 35.70 -39.37 -1.94
N HIS B 56 36.80 -38.70 -2.34
CA HIS B 56 37.24 -37.42 -1.76
C HIS B 56 36.21 -36.32 -2.01
N GLN B 57 35.64 -36.24 -3.24
CA GLN B 57 34.62 -35.24 -3.51
C GLN B 57 33.31 -35.51 -2.77
N LEU B 58 32.95 -36.81 -2.58
CA LEU B 58 31.76 -37.18 -1.79
C LEU B 58 31.97 -36.83 -0.30
N ARG B 59 33.19 -37.09 0.22
CA ARG B 59 33.57 -36.78 1.61
C ARG B 59 33.46 -35.27 1.88
N ARG B 60 33.97 -34.46 0.92
CA ARG B 60 33.91 -32.99 1.03
C ARG B 60 32.46 -32.53 1.07
N GLU B 61 31.61 -33.11 0.19
CA GLU B 61 30.18 -32.76 0.09
C GLU B 61 29.41 -33.12 1.37
N ILE B 62 29.65 -34.32 1.96
CA ILE B 62 28.99 -34.74 3.21
C ILE B 62 29.42 -33.81 4.34
N GLU B 63 30.73 -33.50 4.42
CA GLU B 63 31.27 -32.61 5.46
C GLU B 63 30.63 -31.21 5.40
N ILE B 64 30.44 -30.69 4.20
CA ILE B 64 29.83 -29.36 4.03
C ILE B 64 28.35 -29.35 4.37
N GLN B 65 27.59 -30.23 3.73
CA GLN B 65 26.15 -30.32 3.87
C GLN B 65 25.67 -30.76 5.22
N SER B 66 26.54 -31.39 5.99
CA SER B 66 26.13 -31.91 7.28
C SER B 66 26.16 -30.87 8.36
N HIS B 67 26.72 -29.72 8.02
CA HIS B 67 26.85 -28.57 8.90
C HIS B 67 25.92 -27.37 8.49
N LEU B 68 25.12 -27.54 7.41
CA LEU B 68 24.22 -26.48 6.93
C LEU B 68 22.80 -26.72 7.34
N ARG B 69 22.18 -25.70 7.95
CA ARG B 69 20.79 -25.76 8.41
C ARG B 69 20.02 -24.49 7.98
N HIS B 70 19.32 -24.55 6.85
CA HIS B 70 18.58 -23.41 6.30
C HIS B 70 17.35 -23.91 5.55
N PRO B 71 16.19 -23.21 5.60
CA PRO B 71 14.99 -23.70 4.90
C PRO B 71 15.12 -23.83 3.38
N ASN B 72 16.16 -23.25 2.76
CA ASN B 72 16.35 -23.31 1.31
C ASN B 72 17.60 -24.08 0.91
N ILE B 73 18.11 -24.84 1.85
CA ILE B 73 19.24 -25.73 1.65
C ILE B 73 18.73 -27.12 1.99
N LEU B 74 18.83 -28.05 1.02
CA LEU B 74 18.41 -29.41 1.27
C LEU B 74 19.21 -30.00 2.43
N ARG B 75 18.48 -30.41 3.44
CA ARG B 75 19.06 -30.90 4.67
C ARG B 75 19.53 -32.35 4.57
N MET B 76 20.67 -32.60 5.06
CA MET B 76 21.12 -33.97 5.24
C MET B 76 20.92 -34.21 6.75
N TYR B 77 20.12 -35.10 7.17
CA TYR B 77 19.82 -35.36 8.59
C TYR B 77 20.94 -36.08 9.31
N ASN B 78 21.47 -37.13 8.66
CA ASN B 78 22.54 -37.95 9.18
C ASN B 78 22.98 -38.91 8.08
N TYR B 79 23.87 -39.82 8.42
CA TYR B 79 24.39 -40.81 7.48
C TYR B 79 24.91 -41.99 8.27
N PHE B 80 25.07 -43.09 7.60
CA PHE B 80 25.57 -44.32 8.19
C PHE B 80 26.12 -45.21 7.08
N HIS B 81 26.78 -46.29 7.45
CA HIS B 81 27.37 -47.19 6.49
C HIS B 81 27.45 -48.62 6.98
N ASP B 82 27.57 -49.55 6.03
CA ASP B 82 27.79 -50.97 6.30
C ASP B 82 28.99 -51.36 5.43
N ARG B 83 29.30 -52.67 5.31
CA ARG B 83 30.43 -53.17 4.53
C ARG B 83 30.50 -52.66 3.07
N LYS B 84 29.38 -52.70 2.34
CA LYS B 84 29.39 -52.27 0.94
C LYS B 84 28.72 -50.93 0.59
N ARG B 85 27.85 -50.40 1.48
CA ARG B 85 27.10 -49.19 1.17
C ARG B 85 27.27 -48.05 2.19
N ILE B 86 27.09 -46.81 1.70
CA ILE B 86 27.05 -45.57 2.48
C ILE B 86 25.61 -45.10 2.25
N TYR B 87 24.91 -44.75 3.32
CA TYR B 87 23.52 -44.32 3.21
C TYR B 87 23.42 -42.88 3.71
N LEU B 88 22.80 -42.01 2.92
CA LEU B 88 22.61 -40.60 3.29
C LEU B 88 21.14 -40.39 3.57
N MET B 89 20.84 -39.91 4.78
CA MET B 89 19.49 -39.60 5.24
C MET B 89 19.27 -38.14 4.89
N LEU B 90 18.42 -37.91 3.92
CA LEU B 90 18.23 -36.59 3.33
C LEU B 90 16.80 -36.11 3.35
N GLU B 91 16.64 -34.79 3.33
CA GLU B 91 15.34 -34.15 3.24
C GLU B 91 14.67 -34.55 1.92
N PHE B 92 13.40 -34.89 1.98
CA PHE B 92 12.65 -35.20 0.79
C PHE B 92 12.07 -33.88 0.26
N ALA B 93 12.29 -33.58 -1.03
CA ALA B 93 11.79 -32.34 -1.68
C ALA B 93 10.66 -32.82 -2.60
N PRO B 94 9.40 -32.74 -2.12
CA PRO B 94 8.28 -33.36 -2.86
C PRO B 94 8.02 -32.90 -4.29
N ARG B 95 8.37 -31.66 -4.63
CA ARG B 95 8.15 -31.19 -6.00
C ARG B 95 9.25 -31.55 -6.97
N GLY B 96 10.29 -32.19 -6.45
CA GLY B 96 11.39 -32.70 -7.26
C GLY B 96 12.28 -31.66 -7.93
N GLU B 97 12.76 -32.02 -9.14
CA GLU B 97 13.72 -31.25 -9.93
C GLU B 97 13.21 -29.91 -10.47
N LEU B 98 13.88 -28.80 -10.07
CA LEU B 98 13.50 -27.47 -10.55
C LEU B 98 13.73 -27.42 -12.08
N TYR B 99 14.79 -28.07 -12.55
CA TYR B 99 15.15 -28.13 -13.96
C TYR B 99 13.98 -28.65 -14.86
N LYS B 100 13.25 -29.67 -14.37
CA LYS B 100 12.14 -30.29 -15.10
C LYS B 100 10.95 -29.34 -15.15
N GLU B 101 10.75 -28.59 -14.05
CA GLU B 101 9.70 -27.58 -13.95
C GLU B 101 10.00 -26.44 -14.94
N LEU B 102 11.27 -26.04 -15.07
CA LEU B 102 11.65 -24.98 -16.01
C LEU B 102 11.41 -25.43 -17.45
N GLN B 103 11.84 -26.64 -17.82
CA GLN B 103 11.62 -27.16 -19.18
C GLN B 103 10.12 -27.29 -19.53
N LYS B 104 9.31 -27.72 -18.57
CA LYS B 104 7.86 -27.87 -18.69
C LYS B 104 7.19 -26.52 -18.97
N HIS B 105 7.57 -25.48 -18.22
CA HIS B 105 6.99 -24.14 -18.39
C HIS B 105 7.61 -23.30 -19.50
N GLY B 106 8.81 -23.65 -19.92
CA GLY B 106 9.60 -22.89 -20.89
C GLY B 106 10.39 -21.81 -20.18
N ARG B 107 9.67 -20.97 -19.45
CA ARG B 107 10.25 -19.91 -18.61
C ARG B 107 9.33 -19.66 -17.43
N PHE B 108 9.86 -19.11 -16.33
CA PHE B 108 9.02 -18.79 -15.18
C PHE B 108 8.56 -17.35 -15.25
N ASP B 109 7.39 -17.09 -14.66
CA ASP B 109 6.87 -15.73 -14.58
C ASP B 109 7.71 -14.96 -13.52
N GLU B 110 7.49 -13.65 -13.44
CA GLU B 110 8.24 -12.78 -12.55
C GLU B 110 8.11 -13.12 -11.07
N GLN B 111 6.91 -13.54 -10.64
CA GLN B 111 6.65 -13.88 -9.25
C GLN B 111 7.42 -15.13 -8.81
N ARG B 112 7.36 -16.21 -9.64
CA ARG B 112 8.06 -17.44 -9.43
C ARG B 112 9.58 -17.19 -9.39
N SER B 113 10.08 -16.42 -10.37
CA SER B 113 11.51 -16.13 -10.48
C SER B 113 12.00 -15.29 -9.28
N ALA B 114 11.27 -14.23 -8.93
CA ALA B 114 11.66 -13.38 -7.82
C ALA B 114 11.63 -14.13 -6.51
N THR B 115 10.65 -15.04 -6.32
CA THR B 115 10.56 -15.84 -5.09
C THR B 115 11.79 -16.73 -4.99
N PHE B 116 12.16 -17.41 -6.10
CA PHE B 116 13.35 -18.26 -6.12
C PHE B 116 14.61 -17.44 -5.87
N MET B 117 14.68 -16.22 -6.41
CA MET B 117 15.85 -15.36 -6.22
C MET B 117 16.00 -14.92 -4.75
N GLU B 118 14.88 -14.65 -4.09
CA GLU B 118 14.95 -14.26 -2.68
C GLU B 118 15.44 -15.45 -1.83
N GLU B 119 14.88 -16.62 -2.08
CA GLU B 119 15.24 -17.87 -1.40
C GLU B 119 16.70 -18.22 -1.64
N LEU B 120 17.14 -18.09 -2.90
CA LEU B 120 18.52 -18.38 -3.25
C LEU B 120 19.49 -17.42 -2.57
N ALA B 121 19.24 -16.10 -2.64
CA ALA B 121 20.13 -15.08 -2.04
C ALA B 121 20.24 -15.30 -0.52
N ASP B 122 19.14 -15.66 0.13
CA ASP B 122 19.08 -15.94 1.57
C ASP B 122 19.95 -17.20 1.91
N ALA B 123 19.78 -18.30 1.15
CA ALA B 123 20.56 -19.53 1.34
C ALA B 123 22.05 -19.27 1.09
N LEU B 124 22.39 -18.55 0.01
CA LEU B 124 23.80 -18.25 -0.29
C LEU B 124 24.43 -17.33 0.76
N HIS B 125 23.65 -16.37 1.29
CA HIS B 125 24.12 -15.44 2.32
C HIS B 125 24.49 -16.26 3.56
N TYR B 126 23.61 -17.19 3.94
CA TYR B 126 23.80 -18.13 5.04
C TYR B 126 25.13 -18.94 4.81
N CYS B 127 25.35 -19.43 3.58
CA CYS B 127 26.58 -20.18 3.25
C CYS B 127 27.81 -19.29 3.39
N HIS B 128 27.77 -18.07 2.79
CA HIS B 128 28.92 -17.17 2.76
C HIS B 128 29.34 -16.72 4.17
N GLU B 129 28.35 -16.54 5.06
CA GLU B 129 28.55 -16.22 6.47
C GLU B 129 29.35 -17.33 7.17
N ARG B 130 29.27 -18.57 6.66
CA ARG B 130 29.96 -19.74 7.18
C ARG B 130 31.19 -20.10 6.36
N LYS B 131 31.60 -19.18 5.45
CA LYS B 131 32.76 -19.34 4.56
C LYS B 131 32.59 -20.52 3.60
N VAL B 132 31.35 -20.88 3.30
CA VAL B 132 31.08 -21.95 2.32
C VAL B 132 30.72 -21.23 0.98
N ILE B 133 31.47 -21.53 -0.10
CA ILE B 133 31.19 -20.97 -1.43
C ILE B 133 30.58 -22.14 -2.22
N HIS B 134 29.41 -21.94 -2.85
CA HIS B 134 28.74 -23.02 -3.60
C HIS B 134 29.45 -23.40 -4.91
N ARG B 135 29.69 -22.39 -5.77
CA ARG B 135 30.44 -22.47 -7.05
C ARG B 135 29.75 -23.20 -8.19
N ASP B 136 28.53 -23.68 -7.99
CA ASP B 136 27.84 -24.38 -9.09
C ASP B 136 26.33 -24.20 -9.04
N ILE B 137 25.87 -22.98 -8.76
CA ILE B 137 24.44 -22.70 -8.76
C ILE B 137 23.95 -22.78 -10.22
N LYS B 138 22.95 -23.61 -10.47
CA LYS B 138 22.32 -23.82 -11.79
C LYS B 138 21.00 -24.55 -11.53
N PRO B 139 20.02 -24.52 -12.47
CA PRO B 139 18.71 -25.17 -12.19
C PRO B 139 18.76 -26.64 -11.78
N GLU B 140 19.66 -27.43 -12.41
CA GLU B 140 19.82 -28.87 -12.17
C GLU B 140 20.29 -29.19 -10.74
N ASN B 141 20.81 -28.18 -10.01
CA ASN B 141 21.29 -28.37 -8.64
C ASN B 141 20.28 -27.95 -7.61
N LEU B 142 19.07 -27.66 -8.06
CA LEU B 142 17.99 -27.18 -7.20
C LEU B 142 16.80 -28.08 -7.23
N LEU B 143 16.26 -28.33 -6.03
CA LEU B 143 15.03 -29.09 -5.88
C LEU B 143 13.98 -28.16 -5.32
N MET B 144 12.74 -28.64 -5.25
CA MET B 144 11.63 -27.83 -4.77
C MET B 144 10.90 -28.55 -3.66
N GLY B 145 10.62 -27.80 -2.59
CA GLY B 145 9.90 -28.28 -1.41
C GLY B 145 8.40 -28.43 -1.67
N TYR B 146 7.63 -28.79 -0.63
CA TYR B 146 6.19 -29.03 -0.74
C TYR B 146 5.40 -27.85 -1.36
N LYS B 147 5.74 -26.60 -0.96
CA LYS B 147 5.10 -25.39 -1.48
C LYS B 147 5.97 -24.76 -2.60
N GLY B 148 6.80 -25.57 -3.23
CA GLY B 148 7.65 -25.13 -4.33
C GLY B 148 8.85 -24.30 -3.93
N GLU B 149 9.16 -24.23 -2.61
CA GLU B 149 10.32 -23.49 -2.09
C GLU B 149 11.63 -24.07 -2.58
N LEU B 150 12.53 -23.18 -3.02
CA LEU B 150 13.84 -23.57 -3.56
C LEU B 150 14.62 -24.37 -2.52
N LYS B 151 15.35 -25.38 -2.96
CA LYS B 151 16.22 -26.19 -2.09
C LYS B 151 17.52 -26.42 -2.82
N ILE B 152 18.63 -25.79 -2.37
CA ILE B 152 19.95 -26.05 -2.96
C ILE B 152 20.25 -27.50 -2.57
N ALA B 153 20.36 -28.39 -3.58
CA ALA B 153 20.47 -29.84 -3.36
C ALA B 153 21.77 -30.52 -3.73
N ASP B 154 22.65 -29.84 -4.42
CA ASP B 154 23.93 -30.40 -4.83
C ASP B 154 25.01 -29.42 -4.41
N PHE B 155 26.02 -29.91 -3.71
CA PHE B 155 27.16 -29.15 -3.20
C PHE B 155 28.47 -29.76 -3.73
N GLY B 156 28.38 -30.39 -4.92
CA GLY B 156 29.48 -31.08 -5.59
C GLY B 156 30.75 -30.30 -5.80
N TRP B 157 30.65 -28.95 -5.99
CA TRP B 157 31.85 -28.12 -6.20
C TRP B 157 32.04 -27.14 -5.06
N SER B 158 31.25 -27.28 -4.00
CA SER B 158 31.32 -26.39 -2.84
C SER B 158 32.59 -26.58 -2.04
N VAL B 159 33.00 -25.51 -1.36
CA VAL B 159 34.23 -25.48 -0.59
C VAL B 159 34.08 -24.62 0.63
N HIS B 160 34.60 -25.11 1.77
CA HIS B 160 34.71 -24.35 3.00
C HIS B 160 36.06 -23.65 2.82
N ALA B 161 36.02 -22.32 2.66
CA ALA B 161 37.21 -21.54 2.38
C ALA B 161 37.38 -20.41 3.38
N PRO B 162 38.09 -20.63 4.53
CA PRO B 162 38.24 -19.53 5.52
C PRO B 162 38.85 -18.25 4.97
N SER B 163 39.72 -18.33 3.96
CA SER B 163 40.29 -17.12 3.38
C SER B 163 39.42 -16.58 2.22
N LEU B 164 38.43 -17.37 1.77
CA LEU B 164 37.57 -17.08 0.62
C LEU B 164 38.40 -16.79 -0.64
N ARG B 165 39.44 -17.59 -0.88
CA ARG B 165 40.32 -17.44 -2.06
C ARG B 165 40.59 -18.86 -2.52
N ARG B 166 40.14 -19.22 -3.73
CA ARG B 166 40.30 -20.56 -4.28
C ARG B 166 40.75 -20.50 -5.73
N ARG B 167 41.27 -21.63 -6.26
CA ARG B 167 41.75 -21.67 -7.64
C ARG B 167 41.21 -22.80 -8.47
N MET B 169 39.14 -24.68 -10.92
CA MET B 169 38.31 -24.40 -12.07
C MET B 169 37.12 -25.36 -11.96
N CYS B 170 35.95 -24.81 -11.63
CA CYS B 170 34.77 -25.64 -11.47
C CYS B 170 33.48 -24.91 -11.79
N GLY B 171 32.40 -25.68 -11.92
CA GLY B 171 31.10 -25.14 -12.24
C GLY B 171 30.62 -25.78 -13.52
N THR B 172 29.82 -25.03 -14.28
CA THR B 172 29.16 -25.47 -15.52
C THR B 172 29.32 -24.36 -16.53
N LEU B 173 29.76 -24.72 -17.78
CA LEU B 173 30.05 -23.79 -18.88
C LEU B 173 29.21 -22.52 -18.94
N ASP B 174 27.87 -22.66 -19.08
CA ASP B 174 27.00 -21.49 -19.24
C ASP B 174 26.94 -20.56 -18.03
N TYR B 175 27.30 -21.08 -16.87
CA TYR B 175 27.26 -20.38 -15.58
C TYR B 175 28.59 -19.86 -15.09
N LEU B 176 29.66 -20.20 -15.79
CA LEU B 176 31.01 -19.82 -15.36
C LEU B 176 31.23 -18.32 -15.31
N PRO B 177 31.68 -17.81 -14.15
CA PRO B 177 32.04 -16.39 -14.04
C PRO B 177 33.30 -16.12 -14.87
N PRO B 178 33.50 -14.87 -15.33
CA PRO B 178 34.71 -14.57 -16.12
C PRO B 178 36.03 -15.01 -15.47
N GLU B 179 36.22 -14.76 -14.16
CA GLU B 179 37.42 -15.11 -13.40
C GLU B 179 37.70 -16.61 -13.39
N MET B 180 36.66 -17.44 -13.47
CA MET B 180 36.82 -18.89 -13.54
C MET B 180 37.33 -19.32 -14.92
N ILE B 181 36.75 -18.77 -16.00
CA ILE B 181 37.13 -19.03 -17.39
C ILE B 181 38.56 -18.56 -17.65
N GLU B 182 38.93 -17.42 -17.08
CA GLU B 182 40.25 -16.81 -17.26
C GLU B 182 41.35 -17.39 -16.36
N GLY B 183 41.01 -18.38 -15.53
CA GLY B 183 41.93 -19.06 -14.63
C GLY B 183 42.50 -18.19 -13.52
N LYS B 184 41.73 -17.19 -13.07
CA LYS B 184 42.18 -16.29 -12.00
C LYS B 184 41.75 -16.87 -10.67
N THR B 185 42.30 -16.35 -9.54
CA THR B 185 41.91 -16.75 -8.18
C THR B 185 40.49 -16.18 -7.98
N HIS B 186 39.60 -16.93 -7.33
CA HIS B 186 38.20 -16.51 -7.15
C HIS B 186 37.81 -16.55 -5.71
N ASP B 187 36.72 -15.84 -5.40
CA ASP B 187 36.21 -15.77 -4.05
C ASP B 187 34.70 -16.09 -4.04
N GLU B 188 34.00 -15.75 -2.97
CA GLU B 188 32.57 -16.03 -2.84
C GLU B 188 31.70 -15.28 -3.89
N LYS B 189 32.24 -14.22 -4.51
CA LYS B 189 31.52 -13.42 -5.51
C LYS B 189 31.18 -14.20 -6.78
N VAL B 190 31.74 -15.42 -6.96
CA VAL B 190 31.38 -16.31 -8.06
C VAL B 190 29.88 -16.67 -7.93
N ASP B 191 29.40 -16.83 -6.69
CA ASP B 191 27.99 -17.19 -6.45
C ASP B 191 27.07 -16.03 -6.81
N LEU B 192 27.55 -14.77 -6.72
CA LEU B 192 26.76 -13.57 -7.12
C LEU B 192 26.55 -13.59 -8.63
N TRP B 193 27.62 -13.91 -9.38
CA TRP B 193 27.55 -14.02 -10.83
C TRP B 193 26.56 -15.16 -11.20
N CYS B 194 26.73 -16.37 -10.60
CA CYS B 194 25.86 -17.49 -10.96
C CYS B 194 24.40 -17.22 -10.63
N ALA B 195 24.16 -16.45 -9.56
CA ALA B 195 22.80 -16.01 -9.20
C ALA B 195 22.20 -15.15 -10.32
N GLY B 196 23.00 -14.28 -10.94
CA GLY B 196 22.57 -13.44 -12.06
C GLY B 196 22.23 -14.27 -13.29
N VAL B 197 23.06 -15.28 -13.59
CA VAL B 197 22.86 -16.20 -14.73
C VAL B 197 21.57 -17.00 -14.47
N LEU B 198 21.37 -17.47 -13.23
CA LEU B 198 20.18 -18.21 -12.84
C LEU B 198 18.92 -17.37 -13.01
N CYS B 199 18.95 -16.11 -12.56
CA CYS B 199 17.82 -15.21 -12.68
C CYS B 199 17.42 -15.06 -14.16
N TYR B 200 18.42 -14.84 -15.02
CA TYR B 200 18.20 -14.71 -16.46
C TYR B 200 17.57 -16.01 -17.01
N GLU B 201 18.15 -17.18 -16.72
CA GLU B 201 17.62 -18.45 -17.21
C GLU B 201 16.19 -18.72 -16.76
N PHE B 202 15.87 -18.38 -15.50
CA PHE B 202 14.52 -18.53 -14.98
C PHE B 202 13.51 -17.75 -15.84
N LEU B 203 13.81 -16.48 -16.10
CA LEU B 203 12.93 -15.56 -16.82
C LEU B 203 12.92 -15.74 -18.31
N VAL B 204 14.04 -16.18 -18.86
CA VAL B 204 14.24 -16.30 -20.30
C VAL B 204 14.05 -17.72 -20.85
N GLY B 205 14.43 -18.73 -20.09
CA GLY B 205 14.33 -20.13 -20.51
C GLY B 205 15.63 -20.68 -21.07
N MET B 206 16.63 -19.80 -21.26
CA MET B 206 17.95 -20.18 -21.75
C MET B 206 19.00 -19.36 -21.01
N PRO B 207 20.21 -19.90 -20.75
CA PRO B 207 21.26 -19.08 -20.12
C PRO B 207 21.69 -17.92 -21.03
N PRO B 208 22.20 -16.80 -20.44
CA PRO B 208 22.46 -15.59 -21.26
C PRO B 208 23.52 -15.67 -22.34
N PHE B 209 24.53 -16.49 -22.13
CA PHE B 209 25.66 -16.59 -23.03
C PHE B 209 25.67 -17.87 -23.88
N ASP B 210 24.49 -18.49 -24.05
CA ASP B 210 24.26 -19.69 -24.85
C ASP B 210 24.76 -19.48 -26.26
N SER B 211 25.62 -20.39 -26.75
CA SER B 211 26.17 -20.30 -28.10
C SER B 211 26.46 -21.70 -28.66
N PRO B 212 26.57 -21.87 -30.00
CA PRO B 212 26.87 -23.21 -30.55
C PRO B 212 28.24 -23.78 -30.13
N SER B 213 29.25 -22.92 -29.93
CA SER B 213 30.60 -23.32 -29.57
C SER B 213 31.07 -22.84 -28.21
N HIS B 214 32.02 -23.57 -27.58
CA HIS B 214 32.63 -23.20 -26.30
C HIS B 214 33.35 -21.86 -26.42
N THR B 215 34.05 -21.62 -27.56
CA THR B 215 34.81 -20.39 -27.80
C THR B 215 33.92 -19.17 -27.86
N GLU B 216 32.74 -19.28 -28.51
CA GLU B 216 31.78 -18.18 -28.57
C GLU B 216 31.14 -17.95 -27.19
N THR B 217 30.85 -19.04 -26.41
CA THR B 217 30.30 -18.91 -25.04
C THR B 217 31.33 -18.23 -24.13
N HIS B 218 32.61 -18.66 -24.20
CA HIS B 218 33.71 -18.05 -23.45
C HIS B 218 33.77 -16.56 -23.79
N ARG B 219 33.75 -16.22 -25.09
CA ARG B 219 33.82 -14.84 -25.58
C ARG B 219 32.69 -13.99 -25.00
N ARG B 220 31.46 -14.52 -25.05
CA ARG B 220 30.29 -13.80 -24.55
C ARG B 220 30.37 -13.57 -23.03
N ILE B 221 30.88 -14.57 -22.28
CA ILE B 221 31.01 -14.45 -20.82
C ILE B 221 32.01 -13.37 -20.42
N VAL B 222 33.25 -13.46 -20.95
CA VAL B 222 34.34 -12.53 -20.63
C VAL B 222 34.06 -11.09 -21.05
N ASN B 223 33.25 -10.89 -22.09
CA ASN B 223 32.83 -9.58 -22.56
C ASN B 223 31.49 -9.19 -22.00
N VAL B 224 30.89 -10.03 -21.12
CA VAL B 224 29.55 -9.79 -20.58
C VAL B 224 28.58 -9.38 -21.72
N ASP B 225 28.55 -10.20 -22.78
CA ASP B 225 27.72 -9.94 -23.94
C ASP B 225 26.22 -10.25 -23.69
N LEU B 226 25.58 -9.44 -22.83
CA LEU B 226 24.17 -9.61 -22.53
C LEU B 226 23.30 -9.09 -23.65
N LYS B 227 22.31 -9.89 -24.01
CA LYS B 227 21.31 -9.53 -24.99
C LYS B 227 19.95 -9.88 -24.43
N PHE B 228 19.40 -8.96 -23.61
CA PHE B 228 18.11 -9.16 -22.97
C PHE B 228 16.94 -9.25 -23.94
N PRO B 229 16.12 -10.31 -23.88
CA PRO B 229 14.92 -10.38 -24.74
C PRO B 229 13.93 -9.25 -24.41
N PRO B 230 13.17 -8.75 -25.42
CA PRO B 230 12.24 -7.62 -25.18
C PRO B 230 11.11 -7.87 -24.18
N PHE B 231 10.79 -9.13 -23.90
CA PHE B 231 9.71 -9.45 -22.95
C PHE B 231 10.08 -9.26 -21.48
N LEU B 232 11.38 -9.08 -21.14
CA LEU B 232 11.78 -8.84 -19.74
C LEU B 232 11.40 -7.45 -19.26
N SER B 233 10.95 -7.35 -17.99
CA SER B 233 10.62 -6.07 -17.36
C SER B 233 11.93 -5.31 -17.08
N ASP B 234 11.82 -3.99 -16.89
CA ASP B 234 12.95 -3.14 -16.54
C ASP B 234 13.55 -3.60 -15.20
N GLY B 235 12.69 -3.94 -14.23
CA GLY B 235 13.14 -4.41 -12.92
C GLY B 235 14.02 -5.65 -12.95
N SER B 236 13.60 -6.69 -13.73
CA SER B 236 14.40 -7.92 -13.79
C SER B 236 15.73 -7.66 -14.50
N LYS B 237 15.73 -6.84 -15.57
CA LYS B 237 16.97 -6.49 -16.29
C LYS B 237 17.87 -5.68 -15.37
N ASP B 238 17.28 -4.84 -14.51
CA ASP B 238 18.07 -4.07 -13.54
C ASP B 238 18.86 -5.00 -12.60
N LEU B 239 18.19 -5.97 -11.98
CA LEU B 239 18.79 -6.93 -11.08
C LEU B 239 19.86 -7.75 -11.77
N ILE B 240 19.53 -8.29 -12.95
CA ILE B 240 20.49 -9.11 -13.69
C ILE B 240 21.75 -8.30 -14.07
N SER B 241 21.55 -7.04 -14.57
N SER B 241 21.59 -7.07 -14.59
CA SER B 241 22.64 -6.12 -14.98
CA SER B 241 22.75 -6.26 -14.98
C SER B 241 23.54 -5.74 -13.81
C SER B 241 23.63 -5.96 -13.77
N LYS B 242 23.03 -5.86 -12.58
CA LYS B 242 23.76 -5.56 -11.32
C LYS B 242 24.51 -6.76 -10.78
N LEU B 243 24.05 -7.98 -11.12
CA LEU B 243 24.72 -9.22 -10.68
C LEU B 243 25.83 -9.64 -11.66
N LEU B 244 25.54 -9.50 -12.95
CA LEU B 244 26.44 -9.89 -13.98
C LEU B 244 27.50 -8.84 -14.33
N ARG B 245 28.35 -8.54 -13.36
CA ARG B 245 29.45 -7.64 -13.55
C ARG B 245 30.74 -8.42 -13.77
N TYR B 246 31.56 -7.99 -14.70
CA TYR B 246 32.85 -8.60 -14.88
C TYR B 246 33.74 -8.54 -13.64
N HIS B 247 33.90 -7.37 -13.06
CA HIS B 247 34.73 -7.15 -11.89
C HIS B 247 33.96 -7.64 -10.66
N PRO B 248 34.39 -8.77 -10.01
CA PRO B 248 33.64 -9.32 -8.85
C PRO B 248 33.22 -8.31 -7.77
N PRO B 249 34.08 -7.37 -7.26
CA PRO B 249 33.61 -6.44 -6.21
C PRO B 249 32.46 -5.51 -6.59
N GLN B 250 32.19 -5.34 -7.90
CA GLN B 250 31.09 -4.47 -8.34
C GLN B 250 29.75 -5.19 -8.33
N ARG B 251 29.76 -6.52 -8.14
CA ARG B 251 28.52 -7.33 -8.17
C ARG B 251 27.62 -6.98 -7.00
N LEU B 252 26.31 -6.90 -7.26
CA LEU B 252 25.35 -6.58 -6.21
C LEU B 252 25.44 -7.62 -5.08
N PRO B 253 25.64 -7.21 -3.81
CA PRO B 253 25.71 -8.18 -2.72
C PRO B 253 24.40 -8.91 -2.55
N LEU B 254 24.42 -10.10 -1.92
CA LEU B 254 23.22 -10.92 -1.67
C LEU B 254 22.16 -10.18 -0.89
N LYS B 255 22.56 -9.33 0.08
CA LYS B 255 21.59 -8.50 0.80
C LYS B 255 20.95 -7.50 -0.16
N GLY B 256 21.71 -7.02 -1.16
CA GLY B 256 21.20 -6.15 -2.22
C GLY B 256 20.17 -6.83 -3.10
N VAL B 257 20.35 -8.16 -3.36
CA VAL B 257 19.38 -8.96 -4.13
C VAL B 257 18.06 -9.02 -3.36
N MET B 258 18.14 -9.35 -2.06
CA MET B 258 16.98 -9.49 -1.18
C MET B 258 16.18 -8.19 -1.05
N GLU B 259 16.86 -7.06 -1.08
CA GLU B 259 16.32 -5.70 -0.98
C GLU B 259 15.95 -5.08 -2.33
N HIS B 260 16.33 -5.74 -3.45
CA HIS B 260 16.08 -5.19 -4.79
C HIS B 260 14.57 -4.93 -4.98
N PRO B 261 14.18 -3.73 -5.49
CA PRO B 261 12.75 -3.42 -5.65
C PRO B 261 11.98 -4.46 -6.45
N TRP B 262 12.60 -5.04 -7.50
CA TRP B 262 11.93 -6.08 -8.31
C TRP B 262 11.66 -7.34 -7.47
N VAL B 263 12.60 -7.70 -6.60
CA VAL B 263 12.43 -8.85 -5.70
C VAL B 263 11.33 -8.55 -4.67
N LYS B 264 11.39 -7.36 -4.03
CA LYS B 264 10.35 -6.95 -3.04
C LYS B 264 8.97 -6.96 -3.63
N ALA B 265 8.80 -6.40 -4.84
CA ALA B 265 7.51 -6.30 -5.49
C ALA B 265 6.94 -7.63 -6.00
N ASN B 266 7.82 -8.58 -6.37
CA ASN B 266 7.39 -9.81 -7.01
C ASN B 266 7.46 -11.10 -6.23
N SER B 267 8.35 -11.19 -5.25
CA SER B 267 8.49 -12.42 -4.45
C SER B 267 7.20 -12.72 -3.65
N ARG B 268 6.81 -13.99 -3.64
CA ARG B 268 5.68 -14.53 -2.90
C ARG B 268 6.23 -15.60 -1.95
N ARG B 269 7.44 -15.35 -1.40
CA ARG B 269 8.13 -16.31 -0.55
C ARG B 269 7.35 -16.67 0.68
N VAL B 270 7.26 -17.96 0.94
CA VAL B 270 6.62 -18.50 2.13
C VAL B 270 7.68 -19.25 2.93
N LEU B 271 7.81 -18.92 4.22
CA LEU B 271 8.74 -19.68 5.05
C LEU B 271 8.04 -20.95 5.48
N PRO B 272 8.74 -22.13 5.45
CA PRO B 272 8.09 -23.37 5.88
C PRO B 272 7.53 -23.29 7.30
N PRO B 273 6.39 -23.98 7.55
CA PRO B 273 5.76 -23.94 8.88
C PRO B 273 6.69 -24.24 10.03
N VAL B 274 6.42 -23.60 11.19
CA VAL B 274 7.17 -23.85 12.43
C VAL B 274 6.43 -24.95 13.23
N TYR B 275 6.95 -25.30 14.42
CA TYR B 275 6.32 -26.32 15.26
C TYR B 275 4.89 -26.00 15.70
N GLN B 276 4.01 -27.01 15.52
CA GLN B 276 2.56 -27.11 15.79
C GLN B 276 1.70 -26.98 14.53
N SER C 15 2.90 -46.67 -1.30
CA SER C 15 3.73 -46.10 -2.35
C SER C 15 2.91 -45.14 -3.21
N GLY C 16 1.61 -45.14 -3.07
CA GLY C 16 0.84 -44.26 -3.89
C GLY C 16 0.14 -43.15 -3.16
N ASN C 17 -1.17 -43.25 -3.18
CA ASN C 17 -2.04 -42.28 -2.54
C ASN C 17 -1.78 -42.15 -1.08
N LEU C 18 -1.45 -43.25 -0.43
CA LEU C 18 -1.21 -43.24 0.99
C LEU C 18 -0.20 -42.22 1.47
N LEU C 19 0.90 -42.08 0.77
CA LEU C 19 1.95 -41.21 1.24
C LEU C 19 1.58 -39.74 1.13
N THR C 20 1.00 -39.38 -0.01
CA THR C 20 0.63 -38.01 -0.30
C THR C 20 0.10 -37.25 0.89
N GLN C 21 -0.86 -37.84 1.56
CA GLN C 21 -1.46 -37.25 2.77
C GLN C 21 -0.44 -37.09 3.90
N ALA C 22 0.43 -38.09 4.07
CA ALA C 22 1.48 -38.11 5.09
C ALA C 22 2.57 -37.06 4.77
N ILE C 23 2.94 -36.90 3.48
CA ILE C 23 3.90 -35.89 3.00
C ILE C 23 3.32 -34.48 3.30
N ARG C 24 2.02 -34.26 3.01
CA ARG C 24 1.33 -32.99 3.27
C ARG C 24 1.37 -32.64 4.74
N GLN C 25 0.95 -33.59 5.61
CA GLN C 25 0.93 -33.41 7.07
C GLN C 25 2.32 -33.11 7.62
N GLN C 26 3.35 -33.72 7.01
CA GLN C 26 4.74 -33.52 7.44
C GLN C 26 5.20 -32.09 7.18
N TYR C 27 4.74 -31.46 6.08
CA TYR C 27 5.08 -30.08 5.77
C TYR C 27 4.42 -29.13 6.79
N TYR C 28 3.12 -29.33 7.06
CA TYR C 28 2.34 -28.48 7.99
C TYR C 28 2.58 -28.73 9.47
N LYS C 29 2.98 -29.90 9.85
CA LYS C 29 3.27 -30.17 11.21
C LYS C 29 4.66 -30.81 11.26
N PRO C 30 5.70 -29.99 11.13
CA PRO C 30 7.07 -30.52 11.11
C PRO C 30 7.53 -30.98 12.49
N ILE C 31 8.48 -31.90 12.51
CA ILE C 31 9.08 -32.41 13.74
C ILE C 31 10.46 -31.79 13.92
N ASP C 32 10.97 -31.77 15.16
CA ASP C 32 12.29 -31.25 15.47
C ASP C 32 13.34 -32.28 14.99
N VAL C 33 13.73 -32.17 13.71
CA VAL C 33 14.72 -33.05 13.06
C VAL C 33 16.12 -32.85 13.61
N ASP C 34 16.43 -31.63 14.11
CA ASP C 34 17.71 -31.27 14.73
C ASP C 34 17.89 -32.09 16.01
N ARG C 35 16.78 -32.34 16.74
CA ARG C 35 16.78 -33.14 17.96
C ARG C 35 16.71 -34.62 17.62
N MET C 36 15.73 -35.02 16.78
CA MET C 36 15.52 -36.42 16.39
C MET C 36 16.67 -37.06 15.61
N TYR C 37 17.34 -36.28 14.73
CA TYR C 37 18.40 -36.82 13.87
C TYR C 37 19.79 -36.19 14.04
N GLY C 38 19.83 -34.88 14.32
CA GLY C 38 21.07 -34.14 14.51
C GLY C 38 21.79 -34.42 15.83
N THR C 39 21.12 -35.10 16.78
CA THR C 39 21.72 -35.47 18.08
C THR C 39 22.24 -36.90 18.05
N ILE C 40 21.83 -37.69 17.05
CA ILE C 40 22.26 -39.07 16.90
C ILE C 40 23.64 -39.08 16.25
N ASP C 41 24.53 -39.94 16.78
CA ASP C 41 25.90 -40.15 16.32
C ASP C 41 25.97 -40.56 14.83
N SER C 42 27.11 -40.24 14.19
CA SER C 42 27.38 -40.56 12.80
C SER C 42 28.74 -41.25 12.71
N PRO C 43 29.00 -42.18 11.75
CA PRO C 43 30.37 -42.72 11.64
C PRO C 43 31.32 -41.58 11.27
N LYS C 44 32.63 -41.72 11.60
CA LYS C 44 33.63 -40.72 11.23
C LYS C 44 33.84 -40.83 9.73
N LEU C 45 34.05 -39.70 9.03
CA LEU C 45 34.25 -39.75 7.57
C LEU C 45 35.41 -40.63 7.12
N GLU C 46 36.47 -40.73 7.95
CA GLU C 46 37.62 -41.63 7.73
C GLU C 46 37.18 -43.12 7.67
N GLU C 47 36.16 -43.51 8.48
CA GLU C 47 35.56 -44.84 8.52
C GLU C 47 34.86 -45.18 7.20
N LEU C 48 34.18 -44.18 6.56
CA LEU C 48 33.44 -44.35 5.30
C LEU C 48 34.32 -44.82 4.15
N PHE C 49 35.61 -44.41 4.18
CA PHE C 49 36.61 -44.76 3.17
C PHE C 49 37.92 -45.18 3.88
N ASN D 17 -42.52 21.12 -15.04
CA ASN D 17 -41.66 21.35 -16.21
C ASN D 17 -40.69 20.18 -16.44
N LEU D 18 -40.03 20.15 -17.60
CA LEU D 18 -39.03 19.14 -17.96
C LEU D 18 -37.71 19.42 -17.18
N LEU D 19 -37.46 20.71 -16.86
CA LEU D 19 -36.28 21.18 -16.12
C LEU D 19 -36.31 20.66 -14.66
N THR D 20 -37.48 20.77 -13.98
CA THR D 20 -37.76 20.27 -12.62
C THR D 20 -37.38 18.78 -12.49
N GLN D 21 -37.78 17.96 -13.49
CA GLN D 21 -37.49 16.52 -13.53
C GLN D 21 -35.98 16.27 -13.70
N ALA D 22 -35.30 17.09 -14.53
CA ALA D 22 -33.85 16.99 -14.77
C ALA D 22 -33.04 17.34 -13.49
N ILE D 23 -33.50 18.36 -12.73
CA ILE D 23 -32.91 18.77 -11.45
C ILE D 23 -33.05 17.60 -10.45
N ARG D 24 -34.25 16.97 -10.37
CA ARG D 24 -34.53 15.81 -9.53
C ARG D 24 -33.60 14.65 -9.84
N GLN D 25 -33.53 14.28 -11.15
CA GLN D 25 -32.68 13.21 -11.69
C GLN D 25 -31.20 13.44 -11.37
N GLN D 26 -30.76 14.71 -11.35
CA GLN D 26 -29.38 15.12 -11.07
C GLN D 26 -29.02 14.87 -9.60
N TYR D 27 -29.99 15.05 -8.69
CA TYR D 27 -29.78 14.82 -7.25
C TYR D 27 -29.59 13.32 -7.00
N TYR D 28 -30.49 12.48 -7.57
CA TYR D 28 -30.48 11.02 -7.41
C TYR D 28 -29.43 10.28 -8.21
N LYS D 29 -29.01 10.85 -9.32
CA LYS D 29 -27.96 10.24 -10.12
C LYS D 29 -26.88 11.25 -10.37
N PRO D 30 -26.09 11.50 -9.37
CA PRO D 30 -25.03 12.50 -9.55
C PRO D 30 -23.90 12.01 -10.45
N ILE D 31 -23.21 12.94 -11.10
CA ILE D 31 -22.12 12.62 -11.99
C ILE D 31 -20.79 12.90 -11.33
N ASP D 32 -19.71 12.27 -11.83
CA ASP D 32 -18.35 12.47 -11.33
C ASP D 32 -17.86 13.83 -11.87
N VAL D 33 -18.15 14.89 -11.10
CA VAL D 33 -17.77 16.28 -11.43
C VAL D 33 -16.27 16.51 -11.35
N ASP D 34 -15.58 15.73 -10.50
CA ASP D 34 -14.13 15.77 -10.31
C ASP D 34 -13.45 15.31 -11.61
N ARG D 35 -14.05 14.33 -12.31
CA ARG D 35 -13.56 13.80 -13.59
C ARG D 35 -14.04 14.67 -14.76
N MET D 36 -15.34 15.03 -14.79
CA MET D 36 -15.93 15.84 -15.85
C MET D 36 -15.44 17.28 -15.90
N TYR D 37 -15.20 17.91 -14.73
CA TYR D 37 -14.79 19.32 -14.67
C TYR D 37 -13.47 19.61 -13.97
N GLY D 38 -13.29 19.02 -12.79
CA GLY D 38 -12.11 19.22 -11.94
C GLY D 38 -10.78 18.88 -12.58
#